data_3KEN
#
_entry.id   3KEN
#
_cell.length_a   157.930
_cell.length_b   157.930
_cell.length_c   157.930
_cell.angle_alpha   90.000
_cell.angle_beta   90.000
_cell.angle_gamma   90.000
#
_symmetry.space_group_name_H-M   'I 21 3'
#
loop_
_entity.id
_entity.type
_entity.pdbx_description
1 polymer 'Kinesin-like protein KIF11'
2 non-polymer "ADENOSINE-5'-DIPHOSPHATE"
3 non-polymer S-TRITYL-L-CYSTEINE
4 non-polymer N,N-dimethylmethanamine
5 non-polymer 'MAGNESIUM ION'
6 water water
#
_entity_poly.entity_id   1
_entity_poly.type   'polypeptide(L)'
_entity_poly.pdbx_seq_one_letter_code
;MASQPNSSAKKKEEKGKNIQVVVRCRPFNLAERKASAHSIVECDPVRKEVSVRTGGLADKSSRKTYTFDMVFGASTKQID
VYRSVVCPILDEVIMGYNCTIFAYGQTGTGKTFTMEGERSPNEEYTWEEDPLAGIIPRTLHQIFEKLTDNGTEFSVKVSL
LEIYNEELFDLLNPSSDVSERLQMFDDPRNKRGVIIKGLEEITVHNKDEVYQILEKGAAKRTTAATLMNAYSSRSHSVFS
VTIHMKETTIDGEELVKIGKLNLVDLAGSENIGRSGAVDKRAREAGNINQSLLTLGRVITALVERTPHVPYRESKLTRIL
QDSLGGRTRTSIIATISPASLNLEETLSTLEYAHRAKNILNKPEVNQKL
;
_entity_poly.pdbx_strand_id   A
#
# COMPACT_ATOMS: atom_id res chain seq x y z
N ASN A 18 -16.57 -0.89 -6.42
CA ASN A 18 -15.70 -0.29 -7.48
C ASN A 18 -14.44 0.26 -6.79
N ILE A 19 -13.32 -0.42 -6.99
CA ILE A 19 -12.09 0.01 -6.34
C ILE A 19 -11.41 1.21 -7.01
N GLN A 20 -10.87 2.08 -6.18
CA GLN A 20 -10.20 3.30 -6.60
C GLN A 20 -8.77 3.03 -7.05
N VAL A 21 -8.39 3.60 -8.19
CA VAL A 21 -7.05 3.42 -8.72
C VAL A 21 -6.49 4.78 -9.06
N VAL A 22 -5.30 5.08 -8.56
CA VAL A 22 -4.65 6.36 -8.80
C VAL A 22 -3.23 6.12 -9.29
N VAL A 23 -2.65 7.13 -9.93
CA VAL A 23 -1.30 7.03 -10.46
C VAL A 23 -0.38 8.10 -9.89
N ARG A 24 0.84 7.71 -9.53
CA ARG A 24 1.81 8.67 -9.03
C ARG A 24 3.12 8.53 -9.80
N CYS A 25 3.56 9.60 -10.45
CA CYS A 25 4.80 9.58 -11.21
C CYS A 25 5.88 10.29 -10.40
N ARG A 26 7.01 9.63 -10.21
CA ARG A 26 8.11 10.24 -9.47
C ARG A 26 8.91 11.15 -10.41
N PRO A 27 9.67 12.10 -9.85
CA PRO A 27 10.49 13.02 -10.64
C PRO A 27 11.77 12.32 -11.05
N PHE A 28 12.49 12.89 -12.02
CA PHE A 28 13.75 12.31 -12.47
C PHE A 28 14.73 12.29 -11.32
N ASN A 29 15.62 11.29 -11.33
CA ASN A 29 16.66 11.20 -10.31
C ASN A 29 17.96 11.70 -10.96
N LEU A 30 19.00 11.88 -10.18
CA LEU A 30 20.28 12.38 -10.70
C LEU A 30 20.94 11.53 -11.77
N ALA A 31 20.77 10.20 -11.69
CA ALA A 31 21.37 9.33 -12.68
C ALA A 31 20.73 9.59 -14.05
N GLU A 32 19.40 9.69 -14.05
CA GLU A 32 18.64 9.93 -15.28
C GLU A 32 19.04 11.26 -15.92
N ARG A 33 19.19 12.31 -15.12
CA ARG A 33 19.61 13.62 -15.64
C ARG A 33 21.01 13.50 -16.24
N LYS A 34 21.87 12.74 -15.57
CA LYS A 34 23.23 12.55 -16.07
C LYS A 34 23.21 11.92 -17.45
N ALA A 35 22.21 11.06 -17.68
CA ALA A 35 22.08 10.38 -18.96
C ALA A 35 21.20 11.17 -19.94
N SER A 36 20.85 12.40 -19.57
CA SER A 36 20.01 13.26 -20.42
C SER A 36 18.64 12.65 -20.70
N ALA A 37 18.06 11.97 -19.71
CA ALA A 37 16.78 11.32 -19.88
C ALA A 37 15.67 12.27 -20.33
N HIS A 38 14.88 11.84 -21.33
CA HIS A 38 13.75 12.64 -21.82
C HIS A 38 12.51 12.17 -21.09
N SER A 39 11.51 13.04 -20.98
CA SER A 39 10.26 12.67 -20.33
C SER A 39 9.25 12.18 -21.37
N ILE A 40 8.51 11.13 -21.03
CA ILE A 40 7.49 10.60 -21.94
C ILE A 40 6.16 10.52 -21.20
N VAL A 41 6.10 11.22 -20.07
CA VAL A 41 4.90 11.21 -19.25
C VAL A 41 4.37 12.61 -18.96
N GLU A 42 3.07 12.77 -19.11
CA GLU A 42 2.41 14.04 -18.81
C GLU A 42 1.21 13.69 -17.93
N CYS A 43 1.08 14.41 -16.82
CA CYS A 43 -0.03 14.16 -15.91
C CYS A 43 -0.95 15.38 -15.88
N ASP A 44 -2.24 15.13 -15.98
CA ASP A 44 -3.24 16.20 -15.95
C ASP A 44 -4.18 15.92 -14.79
N PRO A 45 -3.89 16.50 -13.61
CA PRO A 45 -4.74 16.27 -12.43
C PRO A 45 -6.21 16.62 -12.63
N VAL A 46 -6.48 17.74 -13.29
CA VAL A 46 -7.84 18.18 -13.55
C VAL A 46 -8.62 17.14 -14.35
N ARG A 47 -8.10 16.77 -15.52
CA ARG A 47 -8.77 15.77 -16.35
C ARG A 47 -8.52 14.37 -15.82
N LYS A 48 -7.67 14.28 -14.80
CA LYS A 48 -7.32 12.99 -14.18
C LYS A 48 -6.82 11.98 -15.20
N GLU A 49 -5.89 12.42 -16.06
CA GLU A 49 -5.35 11.55 -17.09
C GLU A 49 -3.83 11.48 -17.05
N VAL A 50 -3.30 10.43 -17.67
CA VAL A 50 -1.87 10.24 -17.77
C VAL A 50 -1.69 9.96 -19.26
N SER A 51 -0.76 10.67 -19.89
CA SER A 51 -0.55 10.47 -21.31
C SER A 51 0.90 10.13 -21.53
N VAL A 52 1.15 9.08 -22.31
CA VAL A 52 2.49 8.60 -22.58
C VAL A 52 2.95 8.75 -24.03
N ARG A 53 4.12 9.35 -24.20
CA ARG A 53 4.74 9.53 -25.51
C ARG A 53 5.31 8.15 -25.85
N THR A 54 4.81 7.57 -26.95
CA THR A 54 5.22 6.22 -27.32
C THR A 54 6.02 5.95 -28.60
N GLY A 55 6.24 6.96 -29.44
CA GLY A 55 6.96 6.71 -30.68
C GLY A 55 8.34 7.33 -30.84
N GLY A 56 8.93 7.80 -29.73
CA GLY A 56 10.24 8.42 -29.74
C GLY A 56 10.61 9.31 -30.93
N LEU A 57 11.46 8.79 -31.77
CA LEU A 57 12.08 9.35 -32.92
C LEU A 57 11.25 9.11 -34.23
N ALA A 58 10.51 8.01 -34.18
CA ALA A 58 9.75 7.57 -35.34
C ALA A 58 8.46 8.36 -35.55
N ASP A 59 7.65 8.44 -34.49
CA ASP A 59 6.38 9.15 -34.54
C ASP A 59 6.25 10.08 -33.34
N LYS A 60 6.49 11.36 -33.55
CA LYS A 60 6.43 12.34 -32.47
C LYS A 60 5.03 12.66 -31.91
N SER A 61 3.98 12.34 -32.68
CA SER A 61 2.61 12.65 -32.23
C SER A 61 1.97 11.51 -31.46
N SER A 62 2.45 10.31 -31.69
CA SER A 62 1.89 9.14 -31.05
C SER A 62 1.85 9.22 -29.52
N ARG A 63 0.77 8.70 -28.95
CA ARG A 63 0.61 8.68 -27.49
C ARG A 63 -0.46 7.71 -27.02
N LYS A 64 -0.43 7.41 -25.72
CA LYS A 64 -1.40 6.53 -25.07
C LYS A 64 -1.88 7.22 -23.81
N THR A 65 -3.16 7.56 -23.80
CA THR A 65 -3.79 8.26 -22.69
C THR A 65 -4.77 7.38 -21.91
N TYR A 66 -4.65 7.43 -20.58
CA TYR A 66 -5.51 6.66 -19.69
C TYR A 66 -6.16 7.58 -18.67
N THR A 67 -7.35 7.19 -18.21
CA THR A 67 -8.08 7.96 -17.22
C THR A 67 -8.16 7.21 -15.88
N PHE A 68 -7.79 7.87 -14.80
CA PHE A 68 -7.85 7.26 -13.49
C PHE A 68 -8.64 8.12 -12.51
N ASP A 69 -8.91 7.59 -11.33
CA ASP A 69 -9.65 8.34 -10.34
C ASP A 69 -8.87 9.57 -9.88
N MET A 70 -7.54 9.46 -9.83
CA MET A 70 -6.66 10.59 -9.46
C MET A 70 -5.29 10.43 -10.10
N VAL A 71 -4.66 11.54 -10.44
CA VAL A 71 -3.33 11.55 -11.05
C VAL A 71 -2.45 12.55 -10.33
N PHE A 72 -1.24 12.12 -9.95
CA PHE A 72 -0.28 12.96 -9.25
C PHE A 72 1.01 13.04 -10.06
N GLY A 73 1.36 14.25 -10.52
CA GLY A 73 2.56 14.40 -11.32
C GLY A 73 3.87 14.32 -10.55
N ALA A 74 4.97 14.50 -11.27
CA ALA A 74 6.31 14.43 -10.71
C ALA A 74 6.54 15.37 -9.55
N SER A 75 5.85 16.51 -9.52
CA SER A 75 6.06 17.46 -8.44
C SER A 75 5.21 17.22 -7.18
N THR A 76 4.32 16.24 -7.22
CA THR A 76 3.48 15.92 -6.07
C THR A 76 4.29 15.55 -4.82
N LYS A 77 3.96 16.17 -3.69
CA LYS A 77 4.65 15.92 -2.42
C LYS A 77 3.91 14.94 -1.50
N GLN A 78 4.66 14.27 -0.62
CA GLN A 78 4.10 13.30 0.31
C GLN A 78 2.80 13.77 0.97
N ILE A 79 2.81 14.98 1.49
CA ILE A 79 1.63 15.51 2.15
C ILE A 79 0.45 15.62 1.18
N ASP A 80 0.71 15.87 -0.10
CA ASP A 80 -0.40 15.96 -1.07
C ASP A 80 -1.07 14.60 -1.24
N VAL A 81 -0.26 13.55 -1.35
CA VAL A 81 -0.76 12.20 -1.52
C VAL A 81 -1.61 11.83 -0.30
N TYR A 82 -1.15 12.23 0.88
CA TYR A 82 -1.88 11.89 2.09
C TYR A 82 -3.26 12.57 2.15
N ARG A 83 -3.30 13.88 1.92
CA ARG A 83 -4.57 14.61 1.97
C ARG A 83 -5.58 14.09 0.95
N SER A 84 -5.13 13.91 -0.29
CA SER A 84 -6.00 13.45 -1.37
C SER A 84 -6.44 11.99 -1.34
N VAL A 85 -5.52 11.08 -1.06
CA VAL A 85 -5.83 9.66 -1.07
C VAL A 85 -6.21 9.06 0.28
N VAL A 86 -5.38 9.29 1.29
CA VAL A 86 -5.57 8.71 2.61
C VAL A 86 -6.66 9.29 3.51
N CYS A 87 -6.71 10.61 3.66
CA CYS A 87 -7.73 11.22 4.51
C CYS A 87 -9.11 10.61 4.35
N PRO A 88 -9.63 10.55 3.11
CA PRO A 88 -10.96 9.96 2.94
C PRO A 88 -10.99 8.53 3.46
N ILE A 89 -9.97 7.75 3.11
CA ILE A 89 -9.90 6.35 3.53
C ILE A 89 -9.85 6.20 5.06
N LEU A 90 -9.08 7.05 5.72
CA LEU A 90 -8.98 7.00 7.16
C LEU A 90 -10.36 7.29 7.80
N ASP A 91 -11.17 8.12 7.18
CA ASP A 91 -12.49 8.41 7.72
C ASP A 91 -13.34 7.14 7.66
N GLU A 92 -13.23 6.40 6.56
CA GLU A 92 -13.97 5.15 6.40
C GLU A 92 -13.59 4.16 7.49
N VAL A 93 -12.29 4.08 7.77
CA VAL A 93 -11.78 3.17 8.80
C VAL A 93 -12.39 3.52 10.15
N ILE A 94 -12.36 4.81 10.50
CA ILE A 94 -12.90 5.28 11.76
C ILE A 94 -14.41 5.03 11.82
N MET A 95 -15.06 4.96 10.66
CA MET A 95 -16.49 4.70 10.62
C MET A 95 -16.79 3.23 10.81
N GLY A 96 -15.74 2.42 10.99
CA GLY A 96 -15.93 1.00 11.21
C GLY A 96 -15.73 0.07 10.02
N TYR A 97 -15.10 0.58 8.98
CA TYR A 97 -14.83 -0.21 7.77
C TYR A 97 -13.41 -0.77 7.73
N ASN A 98 -13.21 -1.71 6.81
CA ASN A 98 -11.90 -2.32 6.59
C ASN A 98 -11.45 -1.76 5.24
N CYS A 99 -10.28 -1.13 5.21
CA CYS A 99 -9.77 -0.55 3.97
C CYS A 99 -8.36 -1.04 3.65
N THR A 100 -8.05 -1.07 2.37
CA THR A 100 -6.74 -1.50 1.91
C THR A 100 -6.19 -0.56 0.86
N ILE A 101 -4.93 -0.20 1.03
CA ILE A 101 -4.25 0.61 0.04
C ILE A 101 -2.98 -0.13 -0.33
N PHE A 102 -2.78 -0.44 -1.59
CA PHE A 102 -1.51 -1.04 -1.94
C PHE A 102 -0.86 -0.35 -3.11
N ALA A 103 0.46 -0.39 -3.12
CA ALA A 103 1.26 0.24 -4.17
C ALA A 103 1.71 -0.80 -5.19
N TYR A 104 1.48 -0.50 -6.46
CA TYR A 104 1.87 -1.40 -7.53
C TYR A 104 2.77 -0.65 -8.49
N GLY A 105 3.88 -1.26 -8.86
CA GLY A 105 4.78 -0.60 -9.77
C GLY A 105 6.15 -1.21 -9.88
N GLN A 106 6.86 -0.81 -10.92
CA GLN A 106 8.21 -1.27 -11.22
C GLN A 106 9.20 -0.85 -10.15
N THR A 107 10.15 -1.73 -9.86
CA THR A 107 11.18 -1.42 -8.86
C THR A 107 11.81 -0.08 -9.19
N GLY A 108 11.95 0.76 -8.18
CA GLY A 108 12.55 2.07 -8.37
C GLY A 108 11.58 3.21 -8.68
N THR A 109 10.29 2.90 -8.87
CA THR A 109 9.31 3.95 -9.18
C THR A 109 8.67 4.67 -8.01
N GLY A 110 8.85 4.19 -6.79
CA GLY A 110 8.28 4.89 -5.64
C GLY A 110 7.23 4.22 -4.76
N LYS A 111 7.15 2.90 -4.83
CA LYS A 111 6.18 2.21 -4.00
C LYS A 111 6.50 2.44 -2.51
N THR A 112 7.71 2.04 -2.10
CA THR A 112 8.11 2.20 -0.71
C THR A 112 8.10 3.68 -0.31
N PHE A 113 8.64 4.54 -1.16
CA PHE A 113 8.68 5.98 -0.87
C PHE A 113 7.30 6.54 -0.54
N THR A 114 6.29 6.05 -1.25
CA THR A 114 4.92 6.50 -1.07
C THR A 114 4.25 5.86 0.15
N MET A 115 4.44 4.55 0.32
CA MET A 115 3.82 3.84 1.43
C MET A 115 4.47 4.10 2.78
N GLU A 116 5.79 4.18 2.82
CA GLU A 116 6.49 4.42 4.07
C GLU A 116 7.18 5.78 4.07
N GLY A 117 7.80 6.12 2.95
CA GLY A 117 8.51 7.38 2.88
C GLY A 117 9.91 7.16 3.39
N GLU A 118 10.61 8.24 3.72
CA GLU A 118 11.98 8.14 4.22
C GLU A 118 12.24 9.18 5.29
N ARG A 119 13.35 9.02 5.99
CA ARG A 119 13.74 9.96 7.03
C ARG A 119 14.74 10.95 6.44
N SER A 120 14.54 12.24 6.73
CA SER A 120 15.47 13.26 6.23
C SER A 120 16.76 13.16 7.03
N PRO A 121 17.91 13.37 6.37
CA PRO A 121 19.22 13.29 7.02
C PRO A 121 19.43 14.21 8.22
N ASN A 122 20.27 13.75 9.15
CA ASN A 122 20.60 14.51 10.36
C ASN A 122 19.33 14.88 11.12
N GLU A 123 19.45 15.75 12.11
CA GLU A 123 18.27 16.15 12.87
C GLU A 123 17.29 16.75 11.87
N GLU A 124 17.46 18.04 11.57
CA GLU A 124 16.60 18.72 10.62
C GLU A 124 15.12 18.64 10.99
N TYR A 125 14.51 17.48 10.78
CA TYR A 125 13.09 17.31 11.08
C TYR A 125 12.81 16.18 12.07
N THR A 126 11.73 16.34 12.84
CA THR A 126 11.29 15.33 13.77
C THR A 126 10.46 14.37 12.90
N TRP A 127 10.18 13.15 13.35
CA TRP A 127 9.43 12.24 12.50
C TRP A 127 8.01 12.71 12.14
N GLU A 128 7.38 13.46 13.02
CA GLU A 128 6.04 13.97 12.76
C GLU A 128 6.04 15.10 11.75
N GLU A 129 7.19 15.73 11.53
CA GLU A 129 7.29 16.86 10.62
C GLU A 129 8.12 16.57 9.37
N ASP A 130 8.70 15.37 9.27
CA ASP A 130 9.51 15.04 8.10
C ASP A 130 8.69 15.17 6.82
N PRO A 131 9.19 15.95 5.85
CA PRO A 131 8.48 16.15 4.58
C PRO A 131 8.46 14.85 3.80
N LEU A 132 9.52 14.06 3.94
CA LEU A 132 9.66 12.80 3.24
C LEU A 132 8.87 11.63 3.82
N ALA A 133 8.20 11.83 4.95
CA ALA A 133 7.44 10.73 5.55
C ALA A 133 6.28 10.29 4.66
N GLY A 134 6.08 8.98 4.59
CA GLY A 134 5.02 8.43 3.76
C GLY A 134 3.70 8.20 4.47
N ILE A 135 2.86 7.39 3.84
CA ILE A 135 1.52 7.08 4.34
C ILE A 135 1.44 6.42 5.72
N ILE A 136 2.32 5.47 6.01
CA ILE A 136 2.26 4.80 7.30
C ILE A 136 2.50 5.75 8.47
N PRO A 137 3.66 6.44 8.49
CA PRO A 137 3.86 7.36 9.62
C PRO A 137 2.78 8.43 9.73
N ARG A 138 2.41 9.04 8.61
CA ARG A 138 1.38 10.08 8.63
C ARG A 138 0.04 9.56 9.14
N THR A 139 -0.31 8.34 8.76
CA THR A 139 -1.59 7.78 9.20
C THR A 139 -1.61 7.52 10.70
N LEU A 140 -0.57 6.89 11.23
CA LEU A 140 -0.53 6.60 12.66
C LEU A 140 -0.60 7.87 13.49
N HIS A 141 0.00 8.95 12.96
CA HIS A 141 0.01 10.22 13.65
C HIS A 141 -1.41 10.78 13.68
N GLN A 142 -2.09 10.76 12.54
CA GLN A 142 -3.45 11.27 12.43
C GLN A 142 -4.43 10.50 13.29
N ILE A 143 -4.30 9.18 13.30
CA ILE A 143 -5.21 8.36 14.09
C ILE A 143 -5.26 8.88 15.53
N PHE A 144 -4.10 9.18 16.10
CA PHE A 144 -4.03 9.67 17.47
C PHE A 144 -4.53 11.10 17.57
N GLU A 145 -4.23 11.92 16.58
CA GLU A 145 -4.67 13.31 16.59
C GLU A 145 -6.20 13.37 16.45
N LYS A 146 -6.74 12.78 15.39
CA LYS A 146 -8.19 12.81 15.16
C LYS A 146 -9.01 12.21 16.31
N LEU A 147 -8.62 11.03 16.80
CA LEU A 147 -9.38 10.39 17.87
C LEU A 147 -9.20 10.98 19.27
N THR A 148 -8.04 11.58 19.55
CA THR A 148 -7.82 12.16 20.86
C THR A 148 -8.59 13.48 21.00
N ASP A 149 -8.36 14.39 20.06
CA ASP A 149 -9.04 15.68 20.07
C ASP A 149 -10.45 15.44 19.56
N ASN A 150 -11.15 14.51 20.21
CA ASN A 150 -12.49 14.16 19.78
C ASN A 150 -13.15 13.31 20.87
N GLY A 151 -12.40 12.99 21.91
CA GLY A 151 -12.94 12.16 22.97
C GLY A 151 -12.81 10.74 22.49
N THR A 152 -13.88 9.94 22.62
CA THR A 152 -13.83 8.57 22.14
C THR A 152 -12.76 7.70 22.80
N GLU A 153 -13.18 6.60 23.41
CA GLU A 153 -12.24 5.67 24.02
C GLU A 153 -11.74 4.83 22.84
N PHE A 154 -10.43 4.71 22.70
CA PHE A 154 -9.89 3.92 21.59
C PHE A 154 -8.56 3.29 21.91
N SER A 155 -8.25 2.19 21.21
CA SER A 155 -7.00 1.48 21.36
C SER A 155 -6.51 1.16 19.96
N VAL A 156 -5.21 1.37 19.73
CA VAL A 156 -4.59 1.13 18.42
C VAL A 156 -3.59 -0.02 18.50
N LYS A 157 -3.65 -0.90 17.51
CA LYS A 157 -2.78 -2.07 17.45
C LYS A 157 -2.19 -2.17 16.05
N VAL A 158 -0.88 -2.41 15.94
CA VAL A 158 -0.26 -2.52 14.63
C VAL A 158 0.58 -3.77 14.41
N SER A 159 0.77 -4.15 13.16
CA SER A 159 1.58 -5.31 12.80
C SER A 159 2.24 -5.09 11.45
N LEU A 160 3.40 -5.71 11.25
CA LEU A 160 4.13 -5.60 9.99
C LEU A 160 4.80 -6.91 9.61
N LEU A 161 4.26 -7.58 8.59
CA LEU A 161 4.84 -8.84 8.12
C LEU A 161 5.26 -8.66 6.67
N GLU A 162 6.15 -9.54 6.22
CA GLU A 162 6.61 -9.48 4.84
C GLU A 162 6.59 -10.87 4.21
N ILE A 163 6.30 -10.90 2.92
CA ILE A 163 6.22 -12.14 2.18
C ILE A 163 7.39 -12.19 1.19
N TYR A 164 8.17 -13.25 1.29
CA TYR A 164 9.32 -13.46 0.42
C TYR A 164 9.40 -14.95 0.09
N ASN A 165 9.31 -15.26 -1.19
CA ASN A 165 9.36 -16.64 -1.65
C ASN A 165 8.29 -17.47 -0.93
N GLU A 166 7.11 -16.86 -0.75
CA GLU A 166 5.96 -17.49 -0.11
C GLU A 166 6.18 -17.85 1.37
N GLU A 167 7.15 -17.20 1.99
CA GLU A 167 7.44 -17.40 3.40
C GLU A 167 7.07 -16.11 4.11
N LEU A 168 6.60 -16.21 5.35
CA LEU A 168 6.21 -15.01 6.09
C LEU A 168 7.11 -14.68 7.28
N PHE A 169 7.63 -13.45 7.25
CA PHE A 169 8.52 -12.96 8.31
C PHE A 169 7.84 -11.83 9.09
N ASP A 170 8.11 -11.77 10.39
CA ASP A 170 7.50 -10.78 11.27
C ASP A 170 8.51 -9.71 11.66
N LEU A 171 8.37 -8.52 11.08
CA LEU A 171 9.31 -7.43 11.38
C LEU A 171 9.19 -6.79 12.77
N LEU A 172 8.06 -6.95 13.45
CA LEU A 172 7.91 -6.35 14.78
C LEU A 172 8.03 -7.37 15.91
N ASN A 173 8.42 -8.58 15.58
CA ASN A 173 8.53 -9.65 16.57
C ASN A 173 9.66 -9.48 17.59
N PRO A 174 9.43 -9.95 18.83
CA PRO A 174 10.40 -9.88 19.91
C PRO A 174 11.66 -10.70 19.67
N SER A 175 11.55 -11.82 18.93
CA SER A 175 12.72 -12.64 18.68
C SER A 175 13.75 -11.92 17.82
N SER A 176 15.01 -12.10 18.17
CA SER A 176 16.13 -11.45 17.49
C SER A 176 16.43 -11.92 16.07
N ASP A 177 15.88 -13.08 15.68
CA ASP A 177 16.13 -13.60 14.34
C ASP A 177 14.92 -13.37 13.42
N VAL A 178 15.12 -12.56 12.38
CA VAL A 178 14.07 -12.25 11.43
C VAL A 178 13.62 -13.46 10.60
N SER A 179 14.46 -14.47 10.47
CA SER A 179 14.08 -15.61 9.65
C SER A 179 13.10 -16.60 10.29
N GLU A 180 12.69 -16.38 11.54
CA GLU A 180 11.72 -17.30 12.16
C GLU A 180 10.41 -17.06 11.43
N ARG A 181 9.84 -18.12 10.84
CA ARG A 181 8.64 -18.00 10.02
C ARG A 181 7.24 -18.09 10.63
N LEU A 182 6.34 -17.28 10.07
CA LEU A 182 4.95 -17.24 10.47
C LEU A 182 4.21 -18.28 9.66
N GLN A 183 2.98 -18.57 10.07
CA GLN A 183 2.13 -19.51 9.37
C GLN A 183 0.76 -18.89 9.16
N MET A 184 0.01 -19.43 8.20
CA MET A 184 -1.30 -18.88 7.85
C MET A 184 -2.39 -19.94 7.92
N PHE A 185 -3.58 -19.54 8.38
CA PHE A 185 -4.71 -20.47 8.50
C PHE A 185 -6.02 -19.75 8.21
N ASP A 186 -7.02 -20.47 7.71
CA ASP A 186 -8.30 -19.83 7.44
C ASP A 186 -8.89 -19.38 8.76
N ASP A 187 -9.47 -18.18 8.77
CA ASP A 187 -10.09 -17.62 9.96
C ASP A 187 -11.47 -18.26 10.10
N PRO A 188 -11.66 -19.04 11.18
CA PRO A 188 -12.94 -19.72 11.42
C PRO A 188 -14.13 -18.77 11.33
N ARG A 189 -13.94 -17.54 11.80
CA ARG A 189 -15.01 -16.55 11.79
C ARG A 189 -14.91 -15.53 10.64
N ASN A 190 -14.76 -16.05 9.42
CA ASN A 190 -14.68 -15.24 8.21
C ASN A 190 -14.33 -16.14 7.03
N LYS A 191 -15.26 -16.25 6.07
CA LYS A 191 -15.07 -17.09 4.90
C LYS A 191 -13.91 -16.65 4.00
N ARG A 192 -13.59 -15.37 4.01
CA ARG A 192 -12.51 -14.88 3.16
C ARG A 192 -11.41 -14.15 3.91
N GLY A 193 -11.17 -14.57 5.16
CA GLY A 193 -10.15 -13.96 5.99
C GLY A 193 -9.21 -15.03 6.53
N VAL A 194 -8.01 -14.62 6.95
CA VAL A 194 -7.03 -15.57 7.47
C VAL A 194 -6.40 -15.11 8.78
N ILE A 195 -5.81 -16.05 9.51
CA ILE A 195 -5.14 -15.78 10.77
C ILE A 195 -3.65 -16.02 10.58
N ILE A 196 -2.82 -15.11 11.08
CA ILE A 196 -1.37 -15.27 10.96
C ILE A 196 -0.84 -15.79 12.30
N LYS A 197 -0.63 -17.09 12.43
CA LYS A 197 -0.15 -17.62 13.70
C LYS A 197 1.28 -17.19 14.04
N GLY A 198 1.46 -16.66 15.23
CA GLY A 198 2.75 -16.20 15.69
C GLY A 198 2.99 -14.72 15.46
N LEU A 199 2.09 -14.06 14.73
CA LEU A 199 2.27 -12.63 14.45
C LEU A 199 2.23 -11.77 15.70
N GLU A 200 3.15 -10.82 15.79
CA GLU A 200 3.22 -9.92 16.94
C GLU A 200 2.41 -8.66 16.66
N GLU A 201 1.32 -8.48 17.40
CA GLU A 201 0.49 -7.29 17.22
C GLU A 201 0.71 -6.38 18.42
N ILE A 202 1.44 -5.31 18.17
CA ILE A 202 1.79 -4.36 19.22
C ILE A 202 0.75 -3.27 19.45
N THR A 203 0.38 -3.09 20.72
CA THR A 203 -0.58 -2.08 21.12
C THR A 203 0.18 -0.75 21.22
N VAL A 204 -0.27 0.26 20.49
CA VAL A 204 0.37 1.56 20.52
C VAL A 204 -0.47 2.47 21.41
N HIS A 205 0.02 2.75 22.62
CA HIS A 205 -0.70 3.56 23.59
C HIS A 205 -0.83 5.05 23.27
N ASN A 206 0.12 5.60 22.52
CA ASN A 206 0.07 7.01 22.13
C ASN A 206 1.03 7.24 20.99
N LYS A 207 1.01 8.44 20.42
CA LYS A 207 1.88 8.73 19.29
C LYS A 207 3.37 8.69 19.64
N ASP A 208 3.69 8.89 20.92
CA ASP A 208 5.09 8.85 21.35
C ASP A 208 5.73 7.48 21.37
N GLU A 209 4.92 6.44 21.11
CA GLU A 209 5.42 5.08 21.07
C GLU A 209 5.59 4.60 19.62
N VAL A 210 5.06 5.37 18.67
CA VAL A 210 5.10 5.02 17.26
C VAL A 210 6.47 4.82 16.64
N TYR A 211 7.25 5.90 16.57
CA TYR A 211 8.57 5.86 15.96
C TYR A 211 9.48 4.71 16.37
N GLN A 212 9.43 4.32 17.64
CA GLN A 212 10.28 3.22 18.10
C GLN A 212 9.89 1.91 17.42
N ILE A 213 8.59 1.69 17.25
CA ILE A 213 8.11 0.48 16.62
C ILE A 213 8.53 0.43 15.15
N LEU A 214 8.42 1.57 14.46
CA LEU A 214 8.80 1.63 13.06
C LEU A 214 10.31 1.49 12.91
N GLU A 215 11.07 2.12 13.80
CA GLU A 215 12.53 2.04 13.76
C GLU A 215 13.01 0.60 13.96
N LYS A 216 12.40 -0.13 14.90
CA LYS A 216 12.76 -1.52 15.12
C LYS A 216 12.44 -2.32 13.87
N GLY A 217 11.27 -2.03 13.29
CA GLY A 217 10.82 -2.71 12.10
C GLY A 217 11.82 -2.57 10.97
N ALA A 218 12.19 -1.33 10.66
CA ALA A 218 13.16 -1.10 9.59
C ALA A 218 14.49 -1.81 9.88
N ALA A 219 14.89 -1.88 11.15
CA ALA A 219 16.15 -2.53 11.52
C ALA A 219 16.15 -4.02 11.18
N LYS A 220 15.07 -4.72 11.54
CA LYS A 220 14.98 -6.14 11.21
C LYS A 220 14.87 -6.37 9.70
N ARG A 221 14.27 -5.43 8.99
CA ARG A 221 14.15 -5.54 7.54
C ARG A 221 15.55 -5.43 6.96
N THR A 222 16.32 -4.47 7.45
CA THR A 222 17.70 -4.28 6.99
C THR A 222 18.50 -5.59 7.16
N THR A 223 18.29 -6.30 8.26
CA THR A 223 18.99 -7.56 8.46
C THR A 223 18.52 -8.61 7.44
N ALA A 224 17.22 -8.63 7.16
CA ALA A 224 16.68 -9.59 6.22
C ALA A 224 17.21 -9.41 4.80
N ALA A 225 17.41 -8.16 4.38
CA ALA A 225 17.90 -7.89 3.04
C ALA A 225 19.32 -8.41 2.81
N THR A 226 20.08 -8.59 3.89
CA THR A 226 21.45 -9.10 3.79
C THR A 226 21.43 -10.63 3.87
N LEU A 227 20.27 -11.18 4.18
CA LEU A 227 20.11 -12.62 4.33
C LEU A 227 19.55 -13.31 3.09
N MET A 228 18.72 -12.59 2.33
CA MET A 228 18.08 -13.14 1.15
C MET A 228 18.33 -12.32 -0.11
N ASN A 229 18.43 -13.02 -1.23
CA ASN A 229 18.71 -12.41 -2.52
C ASN A 229 17.62 -11.45 -3.04
N ALA A 230 18.04 -10.24 -3.40
CA ALA A 230 17.12 -9.23 -3.93
C ALA A 230 15.84 -9.12 -3.08
N TYR A 231 16.02 -9.14 -1.76
CA TYR A 231 14.90 -9.07 -0.82
C TYR A 231 13.98 -7.87 -0.98
N SER A 232 14.56 -6.68 -1.04
CA SER A 232 13.80 -5.45 -1.16
C SER A 232 12.81 -5.37 -2.33
N SER A 233 13.22 -5.85 -3.50
CA SER A 233 12.36 -5.81 -4.67
C SER A 233 11.49 -7.04 -4.90
N ARG A 234 11.82 -8.16 -4.27
CA ARG A 234 11.04 -9.39 -4.45
C ARG A 234 10.01 -9.62 -3.34
N SER A 235 10.12 -8.87 -2.26
CA SER A 235 9.21 -9.04 -1.15
C SER A 235 7.92 -8.21 -1.21
N HIS A 236 6.95 -8.61 -0.41
CA HIS A 236 5.69 -7.90 -0.30
C HIS A 236 5.65 -7.48 1.17
N SER A 237 5.30 -6.22 1.43
CA SER A 237 5.25 -5.74 2.80
C SER A 237 3.79 -5.48 3.17
N VAL A 238 3.35 -5.99 4.30
CA VAL A 238 1.98 -5.78 4.72
C VAL A 238 1.91 -5.16 6.12
N PHE A 239 1.49 -3.90 6.17
CA PHE A 239 1.36 -3.19 7.42
C PHE A 239 -0.13 -3.07 7.72
N SER A 240 -0.54 -3.46 8.94
CA SER A 240 -1.94 -3.38 9.32
C SER A 240 -2.15 -2.56 10.57
N VAL A 241 -3.25 -1.81 10.60
CA VAL A 241 -3.58 -0.98 11.76
C VAL A 241 -4.99 -1.34 12.17
N THR A 242 -5.17 -1.63 13.45
CA THR A 242 -6.49 -1.99 13.95
C THR A 242 -6.91 -1.01 15.03
N ILE A 243 -8.09 -0.45 14.85
CA ILE A 243 -8.63 0.50 15.80
C ILE A 243 -9.92 0.00 16.39
N HIS A 244 -10.01 0.03 17.72
CA HIS A 244 -11.21 -0.36 18.45
C HIS A 244 -11.69 0.96 19.05
N MET A 245 -12.93 1.33 18.75
CA MET A 245 -13.51 2.58 19.25
C MET A 245 -14.84 2.31 19.94
N LYS A 246 -15.10 3.01 21.05
CA LYS A 246 -16.34 2.81 21.77
C LYS A 246 -17.44 3.76 21.31
N GLU A 247 -18.65 3.22 21.18
CA GLU A 247 -19.81 4.01 20.78
C GLU A 247 -20.95 3.73 21.76
N THR A 248 -21.71 4.76 22.08
CA THR A 248 -22.85 4.63 22.99
C THR A 248 -24.09 5.08 22.23
N THR A 249 -25.04 4.17 22.04
CA THR A 249 -26.26 4.52 21.33
C THR A 249 -27.04 5.57 22.11
N ILE A 250 -28.11 6.08 21.50
CA ILE A 250 -28.94 7.10 22.15
C ILE A 250 -29.61 6.51 23.38
N ASP A 251 -29.71 5.18 23.43
CA ASP A 251 -30.33 4.48 24.55
C ASP A 251 -29.33 4.15 25.66
N GLY A 252 -28.07 4.49 25.46
CA GLY A 252 -27.06 4.23 26.45
C GLY A 252 -26.34 2.90 26.34
N GLU A 253 -26.48 2.25 25.18
CA GLU A 253 -25.83 0.96 24.98
C GLU A 253 -24.40 1.14 24.45
N GLU A 254 -23.45 0.49 25.12
CA GLU A 254 -22.07 0.57 24.73
C GLU A 254 -21.71 -0.60 23.83
N LEU A 255 -21.15 -0.28 22.66
CA LEU A 255 -20.72 -1.31 21.72
C LEU A 255 -19.36 -0.89 21.20
N VAL A 256 -18.67 -1.79 20.53
CA VAL A 256 -17.36 -1.47 20.02
C VAL A 256 -17.27 -1.62 18.50
N LYS A 257 -16.98 -0.52 17.81
CA LYS A 257 -16.83 -0.60 16.36
C LYS A 257 -15.35 -0.73 16.06
N ILE A 258 -15.04 -1.54 15.05
CA ILE A 258 -13.67 -1.80 14.66
C ILE A 258 -13.38 -1.35 13.24
N GLY A 259 -12.23 -0.71 13.06
CA GLY A 259 -11.81 -0.25 11.75
C GLY A 259 -10.44 -0.84 11.50
N LYS A 260 -10.18 -1.27 10.27
CA LYS A 260 -8.87 -1.84 9.97
C LYS A 260 -8.32 -1.30 8.66
N LEU A 261 -7.04 -0.95 8.65
CA LEU A 261 -6.40 -0.40 7.47
C LEU A 261 -5.15 -1.21 7.10
N ASN A 262 -5.11 -1.74 5.88
CA ASN A 262 -3.95 -2.49 5.39
C ASN A 262 -3.18 -1.64 4.39
N LEU A 263 -1.90 -1.42 4.65
CA LEU A 263 -1.04 -0.63 3.77
C LEU A 263 -0.02 -1.62 3.19
N VAL A 264 -0.19 -1.94 1.91
CA VAL A 264 0.65 -2.93 1.25
C VAL A 264 1.61 -2.39 0.18
N ASP A 265 2.88 -2.78 0.33
CA ASP A 265 3.94 -2.38 -0.58
C ASP A 265 4.33 -3.65 -1.35
N LEU A 266 3.83 -3.77 -2.56
CA LEU A 266 4.07 -4.97 -3.38
C LEU A 266 5.45 -5.11 -3.99
N ALA A 267 5.77 -6.34 -4.38
CA ALA A 267 7.05 -6.63 -5.03
C ALA A 267 7.02 -5.90 -6.38
N GLY A 268 8.20 -5.63 -6.95
CA GLY A 268 8.27 -4.95 -8.23
C GLY A 268 7.52 -5.69 -9.33
N SER A 269 6.72 -4.95 -10.09
CA SER A 269 5.93 -5.53 -11.17
C SER A 269 6.78 -6.13 -12.30
N GLU A 270 7.99 -5.60 -12.48
CA GLU A 270 8.87 -6.08 -13.54
C GLU A 270 9.10 -7.58 -13.46
N ASN A 271 8.95 -8.15 -12.27
CA ASN A 271 9.15 -9.59 -12.06
C ASN A 271 8.22 -10.47 -12.91
N ILE A 288 9.27 -17.54 -5.86
CA ILE A 288 9.46 -16.14 -5.37
C ILE A 288 8.53 -15.16 -6.07
N ASN A 289 7.85 -15.62 -7.13
CA ASN A 289 6.92 -14.78 -7.87
C ASN A 289 5.50 -15.30 -7.80
N GLN A 290 5.28 -16.32 -6.99
CA GLN A 290 3.96 -16.92 -6.83
C GLN A 290 2.89 -15.90 -6.48
N SER A 291 3.16 -15.09 -5.45
CA SER A 291 2.22 -14.07 -5.01
C SER A 291 1.90 -13.01 -6.06
N LEU A 292 2.92 -12.46 -6.70
CA LEU A 292 2.70 -11.44 -7.72
C LEU A 292 1.95 -12.05 -8.89
N LEU A 293 2.32 -13.27 -9.23
CA LEU A 293 1.71 -14.01 -10.33
C LEU A 293 0.23 -14.31 -10.07
N THR A 294 -0.08 -14.78 -8.88
CA THR A 294 -1.46 -15.10 -8.56
C THR A 294 -2.31 -13.83 -8.45
N LEU A 295 -1.68 -12.73 -8.02
CA LEU A 295 -2.39 -11.47 -7.90
C LEU A 295 -2.96 -11.06 -9.26
N GLY A 296 -2.12 -11.16 -10.30
CA GLY A 296 -2.55 -10.80 -11.64
C GLY A 296 -3.64 -11.75 -12.10
N ARG A 297 -3.49 -13.01 -11.71
CA ARG A 297 -4.45 -14.05 -12.06
C ARG A 297 -5.79 -13.77 -11.38
N VAL A 298 -5.72 -13.34 -10.12
CA VAL A 298 -6.92 -13.04 -9.34
C VAL A 298 -7.68 -11.84 -9.95
N ILE A 299 -6.94 -10.81 -10.32
CA ILE A 299 -7.55 -9.62 -10.92
C ILE A 299 -8.23 -9.99 -12.25
N THR A 300 -7.52 -10.71 -13.10
CA THR A 300 -8.05 -11.15 -14.38
C THR A 300 -9.36 -11.93 -14.19
N ALA A 301 -9.37 -12.85 -13.24
CA ALA A 301 -10.56 -13.65 -12.97
C ALA A 301 -11.74 -12.78 -12.58
N LEU A 302 -11.48 -11.73 -11.80
CA LEU A 302 -12.55 -10.83 -11.36
C LEU A 302 -13.10 -9.94 -12.48
N VAL A 303 -12.21 -9.34 -13.27
CA VAL A 303 -12.66 -8.48 -14.35
C VAL A 303 -13.33 -9.27 -15.48
N GLU A 304 -12.90 -10.51 -15.67
CA GLU A 304 -13.49 -11.35 -16.72
C GLU A 304 -14.63 -12.22 -16.18
N ARG A 305 -14.96 -12.02 -14.91
CA ARG A 305 -16.03 -12.78 -14.26
C ARG A 305 -15.91 -14.30 -14.35
N THR A 306 -14.68 -14.80 -14.24
CA THR A 306 -14.43 -16.23 -14.27
C THR A 306 -14.97 -16.85 -12.98
N PRO A 307 -15.60 -18.04 -13.07
CA PRO A 307 -16.19 -18.75 -11.93
C PRO A 307 -15.31 -18.84 -10.68
N HIS A 308 -14.19 -19.54 -10.80
CA HIS A 308 -13.29 -19.70 -9.67
C HIS A 308 -12.13 -18.71 -9.69
N VAL A 309 -12.00 -17.96 -8.60
CA VAL A 309 -10.94 -16.97 -8.43
C VAL A 309 -9.87 -17.65 -7.57
N PRO A 310 -8.65 -17.83 -8.12
CA PRO A 310 -7.53 -18.48 -7.43
C PRO A 310 -6.90 -17.84 -6.18
N TYR A 311 -7.73 -17.30 -5.29
CA TYR A 311 -7.22 -16.68 -4.06
C TYR A 311 -6.27 -17.56 -3.28
N ARG A 312 -6.65 -18.83 -3.13
CA ARG A 312 -5.89 -19.80 -2.37
C ARG A 312 -4.51 -20.12 -2.93
N GLU A 313 -4.23 -19.69 -4.16
CA GLU A 313 -2.94 -20.03 -4.77
C GLU A 313 -1.69 -19.23 -4.41
N SER A 314 -1.79 -18.30 -3.47
CA SER A 314 -0.60 -17.55 -3.03
C SER A 314 -0.87 -16.97 -1.66
N LYS A 315 0.20 -16.78 -0.89
CA LYS A 315 0.08 -16.22 0.44
C LYS A 315 -0.49 -14.80 0.40
N LEU A 316 -0.12 -14.04 -0.64
CA LEU A 316 -0.58 -12.67 -0.78
C LEU A 316 -2.08 -12.56 -1.08
N THR A 317 -2.58 -13.38 -2.00
CA THR A 317 -3.98 -13.29 -2.34
C THR A 317 -4.91 -13.84 -1.26
N ARG A 318 -4.35 -14.59 -0.31
CA ARG A 318 -5.16 -15.12 0.78
C ARG A 318 -5.33 -14.02 1.82
N ILE A 319 -4.28 -13.25 2.04
CA ILE A 319 -4.35 -12.17 3.01
C ILE A 319 -5.24 -11.04 2.47
N LEU A 320 -5.16 -10.79 1.17
CA LEU A 320 -5.93 -9.72 0.55
C LEU A 320 -7.24 -10.13 -0.13
N GLN A 321 -7.63 -11.39 0.04
CA GLN A 321 -8.85 -11.88 -0.60
C GLN A 321 -10.05 -10.94 -0.47
N ASP A 322 -10.33 -10.49 0.75
CA ASP A 322 -11.46 -9.61 0.99
C ASP A 322 -11.27 -8.23 0.35
N SER A 323 -10.04 -7.89 0.01
CA SER A 323 -9.73 -6.60 -0.61
C SER A 323 -9.96 -6.63 -2.11
N LEU A 324 -9.96 -7.83 -2.69
CA LEU A 324 -10.16 -8.00 -4.12
C LEU A 324 -11.49 -8.67 -4.42
N GLY A 325 -12.55 -7.88 -4.44
CA GLY A 325 -13.87 -8.43 -4.69
C GLY A 325 -14.66 -8.75 -3.43
N GLY A 326 -14.13 -8.34 -2.28
CA GLY A 326 -14.80 -8.61 -1.01
C GLY A 326 -15.49 -7.42 -0.39
N ARG A 327 -15.51 -7.38 0.94
CA ARG A 327 -16.17 -6.29 1.66
C ARG A 327 -15.27 -5.18 2.17
N THR A 328 -14.05 -5.10 1.63
CA THR A 328 -13.07 -4.08 2.02
C THR A 328 -12.98 -2.95 1.00
N ARG A 329 -12.87 -1.70 1.47
CA ARG A 329 -12.72 -0.56 0.55
C ARG A 329 -11.28 -0.59 0.08
N THR A 330 -11.07 -0.65 -1.23
CA THR A 330 -9.72 -0.75 -1.77
C THR A 330 -9.27 0.34 -2.75
N SER A 331 -8.02 0.74 -2.59
CA SER A 331 -7.43 1.75 -3.46
C SER A 331 -6.05 1.26 -3.91
N ILE A 332 -5.71 1.54 -5.16
CA ILE A 332 -4.42 1.14 -5.68
C ILE A 332 -3.67 2.38 -6.12
N ILE A 333 -2.39 2.46 -5.75
CA ILE A 333 -1.55 3.57 -6.15
C ILE A 333 -0.54 2.96 -7.11
N ALA A 334 -0.65 3.36 -8.38
CA ALA A 334 0.23 2.87 -9.42
C ALA A 334 1.38 3.86 -9.59
N THR A 335 2.60 3.38 -9.33
CA THR A 335 3.80 4.20 -9.43
C THR A 335 4.50 4.02 -10.77
N ILE A 336 5.00 5.13 -11.33
CA ILE A 336 5.70 5.07 -12.62
C ILE A 336 6.88 6.03 -12.71
N SER A 337 7.79 5.75 -13.63
CA SER A 337 8.96 6.59 -13.87
C SER A 337 8.57 7.48 -15.05
N PRO A 338 9.21 8.65 -15.17
CA PRO A 338 8.88 9.55 -16.29
C PRO A 338 9.79 9.35 -17.50
N ALA A 339 10.85 8.56 -17.32
CA ALA A 339 11.85 8.35 -18.37
C ALA A 339 11.53 7.46 -19.58
N SER A 340 12.00 7.91 -20.73
CA SER A 340 11.84 7.23 -22.03
C SER A 340 12.35 5.79 -21.95
N LEU A 341 13.39 5.60 -21.16
CA LEU A 341 14.03 4.29 -20.98
C LEU A 341 13.08 3.24 -20.41
N ASN A 342 12.16 3.66 -19.53
CA ASN A 342 11.22 2.73 -18.90
C ASN A 342 9.85 2.62 -19.58
N LEU A 343 9.76 3.13 -20.81
CA LEU A 343 8.51 3.11 -21.58
C LEU A 343 7.67 1.84 -21.46
N GLU A 344 8.26 0.68 -21.79
CA GLU A 344 7.53 -0.58 -21.75
C GLU A 344 6.90 -0.88 -20.39
N GLU A 345 7.70 -0.83 -19.33
CA GLU A 345 7.18 -1.11 -18.00
C GLU A 345 6.10 -0.13 -17.58
N THR A 346 6.30 1.15 -17.88
CA THR A 346 5.32 2.17 -17.54
C THR A 346 3.98 1.87 -18.22
N LEU A 347 4.02 1.48 -19.50
CA LEU A 347 2.79 1.16 -20.20
C LEU A 347 2.16 -0.07 -19.55
N SER A 348 3.02 -1.01 -19.17
CA SER A 348 2.55 -2.23 -18.53
C SER A 348 1.85 -1.90 -17.22
N THR A 349 2.47 -1.05 -16.39
CA THR A 349 1.87 -0.66 -15.13
C THR A 349 0.53 0.05 -15.35
N LEU A 350 0.50 1.00 -16.27
CA LEU A 350 -0.73 1.73 -16.53
C LEU A 350 -1.85 0.78 -16.97
N GLU A 351 -1.54 -0.11 -17.90
CA GLU A 351 -2.52 -1.06 -18.42
C GLU A 351 -3.10 -1.96 -17.33
N TYR A 352 -2.21 -2.48 -16.49
CA TYR A 352 -2.56 -3.36 -15.39
C TYR A 352 -3.47 -2.65 -14.38
N ALA A 353 -3.10 -1.44 -13.99
CA ALA A 353 -3.89 -0.69 -13.03
C ALA A 353 -5.23 -0.23 -13.57
N HIS A 354 -5.27 0.06 -14.88
CA HIS A 354 -6.51 0.51 -15.49
C HIS A 354 -7.55 -0.62 -15.55
N ARG A 355 -7.12 -1.85 -15.76
CA ARG A 355 -8.05 -2.98 -15.78
C ARG A 355 -8.65 -3.12 -14.39
N ALA A 356 -7.80 -2.90 -13.38
CA ALA A 356 -8.18 -3.00 -11.98
C ALA A 356 -9.37 -2.11 -11.58
N LYS A 357 -9.60 -1.04 -12.34
CA LYS A 357 -10.71 -0.14 -12.04
C LYS A 357 -12.05 -0.88 -12.15
N ASN A 358 -12.05 -1.98 -12.90
CA ASN A 358 -13.27 -2.74 -13.10
C ASN A 358 -13.61 -3.70 -11.96
N ILE A 359 -12.69 -3.88 -11.01
CA ILE A 359 -12.95 -4.77 -9.89
C ILE A 359 -13.99 -4.09 -8.97
N LEU A 360 -15.01 -4.82 -8.59
CA LEU A 360 -16.04 -4.26 -7.72
C LEU A 360 -16.00 -4.90 -6.34
N ASN A 361 -16.12 -4.07 -5.31
CA ASN A 361 -16.14 -4.58 -3.94
C ASN A 361 -17.48 -4.16 -3.31
N LYS A 362 -17.83 -4.82 -2.21
CA LYS A 362 -19.07 -4.50 -1.49
C LYS A 362 -18.72 -4.13 -0.06
N PRO A 363 -18.24 -2.88 0.15
CA PRO A 363 -17.86 -2.39 1.48
C PRO A 363 -18.95 -2.58 2.54
N GLU A 364 -18.56 -3.11 3.69
CA GLU A 364 -19.49 -3.34 4.78
C GLU A 364 -18.79 -3.11 6.12
N VAL A 365 -19.42 -2.35 7.00
CA VAL A 365 -18.82 -2.08 8.31
C VAL A 365 -18.72 -3.38 9.09
N ASN A 366 -17.77 -3.44 10.02
CA ASN A 366 -17.59 -4.63 10.85
C ASN A 366 -18.71 -4.70 11.88
#